data_5YXE
#
_entry.id   5YXE
#
_cell.length_a   106.908
_cell.length_b   49.145
_cell.length_c   123.869
_cell.angle_alpha   90.000
_cell.angle_beta   110.171
_cell.angle_gamma   90.000
#
_symmetry.space_group_name_H-M   'C 1 2 1'
#
_entity_poly.entity_id   1
_entity_poly.type   'polypeptide(L)'
_entity_poly.pdbx_seq_one_letter_code
;EAHQSEIAHRFNDLGEEHFRGLVLVAFSQYLQQCPFEDHVKLVNEVTEFAKGCVADQSAANCEKSLHELLGDKLCTVASL
RDKYGEMADCCEKKEPERNECFLQHKDDNPGFGQLVTPEADAMCTAFHENEQRFLGKYLYEIARRHPYFYAPELLYYAEE
YKGVFTECCEAADKAACLTPKVDALREKVLASSAKERLKCASLQKFGERAFKAWSVARLSQKFPKAEFAEISKLVTDLAK
IHKECCHGDLLECADDRADLAKYICENQDSISTKLKECCGKPVLEKSHCISEVERDELPADLPPLAVDFVEDKEVCKNYQ
EAKDVFLGTFLYEYSRRHPEYSVSLLLRLAKEYEATLEKCCATDDPPACYAHVFDEFKPLVEEPHNLVKTNCELFEKLGE
YGFQNALLVRYTKKVPQVSTPTLVEVSRSLGKVGSKCCTHPEAERLSCAEDYLSVVLNRLCVLHEKTPVSERVTKCCTES
LVNRRPCFSALQVDETYVPKEFSAETFTFHADLCTLPEAEKQIKKQSALVELLKHKPKATEEQLKTVMGDFGSFVDKCCA
AEDKEACFAEEGPKLVAAAQAALA
;
_entity_poly.pdbx_strand_id   A
#
# COMPACT_ATOMS: atom_id res chain seq x y z
N SER A 5 -6.31 -21.45 27.80
CA SER A 5 -7.21 -20.97 26.75
C SER A 5 -6.58 -19.83 25.96
N GLU A 6 -6.84 -19.83 24.64
CA GLU A 6 -6.28 -18.80 23.77
C GLU A 6 -7.10 -17.52 23.84
N ILE A 7 -8.42 -17.63 23.70
CA ILE A 7 -9.30 -16.46 23.69
C ILE A 7 -9.25 -15.75 25.03
N ALA A 8 -9.05 -16.48 26.12
CA ALA A 8 -8.92 -15.84 27.42
C ALA A 8 -7.62 -15.05 27.52
N HIS A 9 -6.54 -15.58 26.95
CA HIS A 9 -5.28 -14.87 26.94
C HIS A 9 -5.36 -13.59 26.11
N ARG A 10 -5.89 -13.70 24.88
CA ARG A 10 -6.05 -12.51 24.04
C ARG A 10 -6.98 -11.50 24.69
N PHE A 11 -8.04 -11.98 25.36
CA PHE A 11 -8.97 -11.07 26.00
C PHE A 11 -8.33 -10.37 27.20
N ASN A 12 -7.46 -11.08 27.93
CA ASN A 12 -6.76 -10.46 29.05
C ASN A 12 -5.77 -9.41 28.54
N ASP A 13 -5.11 -9.68 27.41
CA ASP A 13 -4.09 -8.76 26.93
C ASP A 13 -4.67 -7.55 26.22
N LEU A 14 -5.80 -7.69 25.52
CA LEU A 14 -6.27 -6.67 24.60
C LEU A 14 -7.48 -5.88 25.09
N GLY A 15 -8.14 -6.31 26.15
CA GLY A 15 -9.30 -5.60 26.65
C GLY A 15 -10.53 -5.81 25.78
N GLU A 16 -11.70 -5.56 26.38
CA GLU A 16 -12.97 -5.91 25.75
C GLU A 16 -13.23 -5.10 24.49
N GLU A 17 -13.03 -3.77 24.56
CA GLU A 17 -13.40 -2.91 23.44
C GLU A 17 -12.50 -3.14 22.24
N HIS A 18 -11.18 -3.07 22.44
CA HIS A 18 -10.25 -3.36 21.35
C HIS A 18 -10.47 -4.76 20.80
N PHE A 19 -10.86 -5.71 21.67
CA PHE A 19 -11.22 -7.05 21.22
C PHE A 19 -12.38 -6.99 20.23
N ARG A 20 -13.45 -6.30 20.61
CA ARG A 20 -14.61 -6.17 19.72
C ARG A 20 -14.21 -5.55 18.39
N GLY A 21 -13.37 -4.51 18.42
CA GLY A 21 -12.94 -3.88 17.19
C GLY A 21 -12.14 -4.82 16.30
N LEU A 22 -11.22 -5.58 16.88
CA LEU A 22 -10.38 -6.46 16.09
C LEU A 22 -11.17 -7.63 15.50
N VAL A 23 -12.13 -8.16 16.27
CA VAL A 23 -13.01 -9.18 15.72
C VAL A 23 -13.85 -8.59 14.59
N LEU A 24 -14.32 -7.35 14.76
CA LEU A 24 -15.14 -6.73 13.73
C LEU A 24 -14.37 -6.52 12.43
N VAL A 25 -13.11 -6.08 12.53
CA VAL A 25 -12.33 -5.91 11.31
C VAL A 25 -11.94 -7.27 10.73
N ALA A 26 -11.83 -8.30 11.57
CA ALA A 26 -11.60 -9.64 11.05
C ALA A 26 -12.75 -10.08 10.16
N PHE A 27 -13.99 -10.00 10.69
CA PHE A 27 -15.14 -10.41 9.90
C PHE A 27 -15.38 -9.48 8.70
N SER A 28 -15.03 -8.20 8.84
CA SER A 28 -15.20 -7.27 7.74
C SER A 28 -14.18 -7.50 6.63
N GLN A 29 -13.01 -8.05 6.98
CA GLN A 29 -12.03 -8.40 5.96
C GLN A 29 -12.38 -9.73 5.30
N TYR A 30 -12.85 -10.70 6.08
CA TYR A 30 -13.19 -12.00 5.51
C TYR A 30 -14.51 -11.94 4.72
N LEU A 31 -15.47 -11.14 5.18
CA LEU A 31 -16.76 -11.00 4.52
C LEU A 31 -16.94 -9.53 4.13
N GLN A 32 -16.63 -9.20 2.87
CA GLN A 32 -16.70 -7.83 2.40
C GLN A 32 -18.07 -7.47 1.85
N GLN A 33 -18.76 -8.42 1.22
CA GLN A 33 -20.08 -8.19 0.65
C GLN A 33 -21.20 -8.29 1.66
N CYS A 34 -20.93 -8.84 2.85
CA CYS A 34 -21.99 -9.11 3.83
C CYS A 34 -22.46 -7.83 4.50
N PRO A 35 -23.77 -7.68 4.71
CA PRO A 35 -24.28 -6.48 5.39
C PRO A 35 -23.76 -6.37 6.82
N PHE A 36 -23.88 -5.15 7.37
CA PHE A 36 -23.21 -4.81 8.61
C PHE A 36 -23.85 -5.48 9.82
N GLU A 37 -25.17 -5.64 9.80
CA GLU A 37 -25.88 -6.14 10.99
C GLU A 37 -25.42 -7.55 11.35
N ASP A 38 -25.20 -8.40 10.34
CA ASP A 38 -24.70 -9.75 10.59
C ASP A 38 -23.36 -9.69 11.34
N HIS A 39 -22.46 -8.82 10.89
CA HIS A 39 -21.18 -8.66 11.57
C HIS A 39 -21.39 -8.20 13.01
N VAL A 40 -22.35 -7.30 13.23
CA VAL A 40 -22.67 -6.86 14.60
C VAL A 40 -23.01 -8.06 15.47
N LYS A 41 -23.98 -8.87 15.01
CA LYS A 41 -24.41 -10.01 15.82
C LYS A 41 -23.27 -10.98 16.07
N LEU A 42 -22.47 -11.28 15.03
CA LEU A 42 -21.39 -12.24 15.18
C LEU A 42 -20.34 -11.75 16.17
N VAL A 43 -19.96 -10.47 16.09
CA VAL A 43 -19.01 -9.93 17.04
C VAL A 43 -19.57 -9.99 18.46
N ASN A 44 -20.86 -9.66 18.61
CA ASN A 44 -21.50 -9.76 19.93
C ASN A 44 -21.40 -11.17 20.49
N GLU A 45 -21.65 -12.18 19.65
CA GLU A 45 -21.57 -13.56 20.12
C GLU A 45 -20.13 -13.95 20.48
N VAL A 46 -19.17 -13.49 19.68
CA VAL A 46 -17.77 -13.83 19.94
C VAL A 46 -17.32 -13.27 21.28
N THR A 47 -17.61 -11.98 21.53
CA THR A 47 -17.29 -11.41 22.83
C THR A 47 -18.03 -12.13 23.95
N GLU A 48 -19.31 -12.45 23.71
CA GLU A 48 -20.11 -13.18 24.68
C GLU A 48 -19.43 -14.48 25.10
N PHE A 49 -18.81 -15.18 24.15
CA PHE A 49 -18.13 -16.43 24.46
C PHE A 49 -16.78 -16.18 25.12
N ALA A 50 -16.08 -15.12 24.69
CA ALA A 50 -14.76 -14.81 25.25
C ALA A 50 -14.85 -14.48 26.73
N LYS A 51 -15.90 -13.76 27.13
CA LYS A 51 -16.09 -13.50 28.56
C LYS A 51 -16.24 -14.80 29.34
N GLY A 52 -16.97 -15.77 28.77
CA GLY A 52 -17.07 -17.06 29.41
C GLY A 52 -15.75 -17.79 29.51
N CYS A 53 -14.90 -17.65 28.48
CA CYS A 53 -13.56 -18.23 28.57
C CYS A 53 -12.71 -17.54 29.62
N VAL A 54 -12.90 -16.24 29.84
CA VAL A 54 -12.16 -15.56 30.89
C VAL A 54 -12.64 -16.00 32.27
N ALA A 55 -13.95 -16.22 32.41
CA ALA A 55 -14.48 -16.70 33.69
C ALA A 55 -13.97 -18.10 34.01
N ASP A 56 -14.01 -19.00 33.03
CA ASP A 56 -13.55 -20.38 33.21
C ASP A 56 -12.61 -20.72 32.06
N GLN A 57 -11.31 -20.84 32.38
CA GLN A 57 -10.31 -21.16 31.37
C GLN A 57 -10.41 -22.61 30.90
N SER A 58 -11.24 -23.43 31.54
CA SER A 58 -11.39 -24.83 31.18
C SER A 58 -12.77 -25.12 30.57
N ALA A 59 -13.47 -24.10 30.11
CA ALA A 59 -14.77 -24.30 29.49
C ALA A 59 -14.63 -25.11 28.20
N ALA A 60 -15.78 -25.48 27.62
CA ALA A 60 -15.82 -26.49 26.57
C ALA A 60 -14.90 -26.14 25.41
N ASN A 61 -15.16 -25.03 24.74
CA ASN A 61 -14.45 -24.70 23.50
C ASN A 61 -13.25 -23.79 23.70
N CYS A 62 -12.96 -23.37 24.93
CA CYS A 62 -11.85 -22.46 25.16
C CYS A 62 -10.48 -23.09 24.89
N GLU A 63 -10.40 -24.41 24.79
CA GLU A 63 -9.15 -25.06 24.42
C GLU A 63 -8.91 -25.09 22.92
N LYS A 64 -9.92 -24.74 22.11
CA LYS A 64 -9.79 -24.75 20.67
C LYS A 64 -9.00 -23.53 20.18
N SER A 65 -8.49 -23.64 18.96
CA SER A 65 -7.74 -22.55 18.37
C SER A 65 -8.68 -21.46 17.85
N LEU A 66 -8.08 -20.34 17.43
CA LEU A 66 -8.87 -19.21 16.98
C LEU A 66 -9.47 -19.46 15.60
N HIS A 67 -8.69 -20.03 14.68
CA HIS A 67 -9.19 -20.23 13.31
C HIS A 67 -10.35 -21.21 13.28
N GLU A 68 -10.29 -22.27 14.09
CA GLU A 68 -11.39 -23.22 14.16
C GLU A 68 -12.67 -22.54 14.66
N LEU A 69 -12.55 -21.75 15.73
CA LEU A 69 -13.70 -21.06 16.28
C LEU A 69 -14.31 -20.10 15.28
N LEU A 70 -13.48 -19.24 14.68
CA LEU A 70 -13.99 -18.23 13.75
C LEU A 70 -14.59 -18.86 12.51
N GLY A 71 -13.96 -19.94 12.00
CA GLY A 71 -14.54 -20.64 10.86
C GLY A 71 -15.88 -21.26 11.19
N ASP A 72 -15.96 -21.93 12.35
CA ASP A 72 -17.23 -22.49 12.80
C ASP A 72 -18.31 -21.42 12.91
N LYS A 73 -17.93 -20.24 13.40
CA LYS A 73 -18.91 -19.16 13.52
C LYS A 73 -19.33 -18.62 12.17
N LEU A 74 -18.41 -18.57 11.21
CA LEU A 74 -18.73 -18.02 9.89
C LEU A 74 -19.62 -18.98 9.09
N CYS A 75 -19.36 -20.29 9.18
CA CYS A 75 -20.14 -21.20 8.35
C CYS A 75 -21.59 -21.40 8.81
N THR A 76 -22.13 -20.64 9.77
CA THR A 76 -23.54 -20.80 10.15
C THR A 76 -24.45 -20.11 9.14
N VAL A 77 -24.16 -18.84 8.84
CA VAL A 77 -24.90 -18.10 7.82
C VAL A 77 -24.09 -17.88 6.56
N ALA A 78 -22.77 -18.14 6.59
CA ALA A 78 -21.93 -17.96 5.41
C ALA A 78 -22.13 -19.06 4.38
N SER A 79 -22.68 -20.21 4.78
CA SER A 79 -23.00 -21.25 3.81
C SER A 79 -23.99 -20.77 2.76
N LEU A 80 -24.79 -19.76 3.08
CA LEU A 80 -25.62 -19.09 2.10
C LEU A 80 -24.71 -18.34 1.12
N ARG A 81 -24.61 -18.83 -0.11
CA ARG A 81 -23.78 -18.17 -1.11
C ARG A 81 -24.62 -17.64 -2.26
N GLU A 86 -19.12 -18.01 -3.60
CA GLU A 86 -18.40 -19.27 -3.49
C GLU A 86 -17.80 -19.45 -2.09
N MET A 87 -18.49 -18.93 -1.08
CA MET A 87 -18.02 -19.02 0.29
C MET A 87 -18.54 -20.25 1.03
N ALA A 88 -19.46 -21.00 0.43
CA ALA A 88 -19.82 -22.30 0.96
C ALA A 88 -18.83 -23.39 0.55
N ASP A 89 -17.93 -23.09 -0.38
CA ASP A 89 -16.94 -24.07 -0.81
C ASP A 89 -15.88 -24.27 0.26
N CYS A 90 -15.43 -23.18 0.89
CA CYS A 90 -14.47 -23.31 1.98
C CYS A 90 -15.09 -23.92 3.22
N CYS A 91 -16.41 -23.86 3.37
CA CYS A 91 -17.09 -24.47 4.50
C CYS A 91 -17.21 -25.99 4.38
N GLU A 92 -16.88 -26.56 3.23
CA GLU A 92 -16.76 -28.00 3.06
C GLU A 92 -15.39 -28.52 3.46
N LYS A 93 -14.58 -27.71 4.14
CA LYS A 93 -13.25 -28.08 4.56
C LYS A 93 -13.08 -27.77 6.05
N LYS A 94 -12.00 -28.27 6.62
CA LYS A 94 -11.61 -27.99 8.00
C LYS A 94 -10.19 -27.46 8.03
N GLU A 97 -6.79 -25.95 6.08
CA GLU A 97 -7.09 -25.66 4.68
C GLU A 97 -8.20 -24.62 4.57
N ARG A 98 -9.12 -24.60 5.54
CA ARG A 98 -10.24 -23.66 5.49
C ARG A 98 -9.76 -22.22 5.63
N ASN A 99 -8.80 -21.97 6.51
CA ASN A 99 -8.29 -20.61 6.70
C ASN A 99 -7.61 -20.11 5.42
N GLU A 100 -6.80 -20.95 4.80
CA GLU A 100 -6.13 -20.56 3.55
C GLU A 100 -7.12 -20.39 2.42
N CYS A 101 -8.22 -21.17 2.43
CA CYS A 101 -9.28 -20.96 1.46
C CYS A 101 -9.91 -19.59 1.64
N PHE A 102 -10.26 -19.24 2.89
CA PHE A 102 -10.86 -17.94 3.17
C PHE A 102 -9.93 -16.80 2.75
N LEU A 103 -8.66 -16.86 3.17
CA LEU A 103 -7.70 -15.84 2.78
C LEU A 103 -7.53 -15.77 1.27
N GLN A 104 -7.63 -16.91 0.59
CA GLN A 104 -7.55 -16.91 -0.87
C GLN A 104 -8.77 -16.21 -1.48
N HIS A 105 -9.92 -16.29 -0.83
CA HIS A 105 -11.13 -15.68 -1.36
C HIS A 105 -11.30 -14.21 -0.93
N LYS A 106 -10.24 -13.57 -0.46
CA LYS A 106 -10.29 -12.13 -0.24
C LYS A 106 -10.20 -11.40 -1.58
N ASP A 107 -10.88 -10.26 -1.66
CA ASP A 107 -10.98 -9.48 -2.89
C ASP A 107 -10.13 -8.21 -2.75
N ASP A 108 -9.09 -8.11 -3.58
CA ASP A 108 -8.24 -6.91 -3.56
C ASP A 108 -8.96 -5.71 -4.13
N ASN A 109 -9.84 -5.91 -5.11
CA ASN A 109 -10.59 -4.82 -5.76
C ASN A 109 -12.06 -5.19 -5.77
N PRO A 110 -12.75 -5.03 -4.64
CA PRO A 110 -14.17 -5.36 -4.61
C PRO A 110 -15.02 -4.30 -5.28
N GLY A 111 -16.15 -4.74 -5.82
CA GLY A 111 -17.08 -3.84 -6.47
C GLY A 111 -17.90 -3.02 -5.49
N PHE A 112 -17.22 -2.39 -4.54
CA PHE A 112 -17.87 -1.57 -3.52
C PHE A 112 -17.67 -0.10 -3.86
N GLY A 113 -18.75 0.67 -3.79
CA GLY A 113 -18.69 2.08 -4.14
C GLY A 113 -17.70 2.85 -3.28
N GLN A 114 -17.30 4.02 -3.79
CA GLN A 114 -16.28 4.82 -3.14
C GLN A 114 -16.85 5.66 -2.00
N LEU A 115 -17.68 5.05 -1.15
CA LEU A 115 -18.15 5.63 0.11
C LEU A 115 -19.09 6.81 -0.09
N VAL A 116 -20.32 6.69 0.42
CA VAL A 116 -21.32 7.75 0.35
C VAL A 116 -21.39 8.45 1.71
N THR A 117 -21.49 9.78 1.68
CA THR A 117 -21.42 10.58 2.88
C THR A 117 -22.67 11.45 3.02
N PRO A 118 -23.40 11.37 4.14
CA PRO A 118 -24.50 12.32 4.37
C PRO A 118 -24.00 13.72 4.68
N GLU A 119 -24.91 14.63 5.02
CA GLU A 119 -24.52 16.01 5.32
C GLU A 119 -23.96 16.10 6.74
N ALA A 120 -23.57 17.32 7.12
CA ALA A 120 -22.83 17.51 8.37
C ALA A 120 -23.71 17.24 9.59
N ASP A 121 -24.92 17.84 9.62
CA ASP A 121 -25.74 17.72 10.82
C ASP A 121 -26.30 16.32 11.00
N ALA A 122 -26.58 15.61 9.91
CA ALA A 122 -26.99 14.21 10.03
C ALA A 122 -25.84 13.34 10.54
N MET A 123 -24.62 13.59 10.04
CA MET A 123 -23.45 12.86 10.51
C MET A 123 -23.20 13.10 11.99
N CYS A 124 -23.28 14.37 12.42
CA CYS A 124 -23.10 14.66 13.85
C CYS A 124 -24.21 14.05 14.68
N THR A 125 -25.44 14.02 14.13
CA THR A 125 -26.54 13.35 14.83
C THR A 125 -26.25 11.87 15.03
N ALA A 126 -25.70 11.22 14.00
CA ALA A 126 -25.39 9.79 14.11
C ALA A 126 -24.23 9.55 15.06
N PHE A 127 -23.21 10.41 15.02
CA PHE A 127 -22.06 10.23 15.90
C PHE A 127 -22.43 10.45 17.35
N HIS A 128 -23.22 11.48 17.64
CA HIS A 128 -23.68 11.71 19.01
C HIS A 128 -24.59 10.58 19.48
N GLU A 129 -25.60 10.24 18.65
CA GLU A 129 -26.60 9.24 19.00
C GLU A 129 -25.99 7.98 19.59
N ASN A 130 -24.98 7.43 18.91
CA ASN A 130 -24.30 6.23 19.39
C ASN A 130 -22.97 6.14 18.63
N GLU A 131 -21.89 6.58 19.26
CA GLU A 131 -20.58 6.55 18.62
C GLU A 131 -19.98 5.15 18.57
N GLN A 132 -20.50 4.19 19.34
CA GLN A 132 -20.07 2.81 19.19
C GLN A 132 -20.45 2.27 17.83
N ARG A 133 -21.74 2.28 17.50
CA ARG A 133 -22.19 1.83 16.19
C ARG A 133 -21.63 2.71 15.07
N PHE A 134 -21.36 3.98 15.39
CA PHE A 134 -20.82 4.91 14.38
C PHE A 134 -19.38 4.53 14.02
N LEU A 135 -18.50 4.46 15.02
CA LEU A 135 -17.12 4.08 14.76
C LEU A 135 -17.03 2.67 14.20
N GLY A 136 -17.86 1.75 14.71
CA GLY A 136 -17.87 0.40 14.16
C GLY A 136 -18.29 0.38 12.70
N LYS A 137 -19.29 1.20 12.35
CA LYS A 137 -19.66 1.34 10.95
C LYS A 137 -18.48 1.85 10.12
N TYR A 138 -17.74 2.83 10.65
CA TYR A 138 -16.57 3.34 9.94
C TYR A 138 -15.54 2.23 9.72
N LEU A 139 -15.27 1.44 10.76
CA LEU A 139 -14.32 0.33 10.63
C LEU A 139 -14.77 -0.66 9.57
N TYR A 140 -16.04 -1.05 9.61
CA TYR A 140 -16.58 -1.98 8.62
C TYR A 140 -16.41 -1.44 7.21
N GLU A 141 -16.78 -0.18 7.00
CA GLU A 141 -16.71 0.41 5.66
C GLU A 141 -15.28 0.56 5.17
N ILE A 142 -14.33 0.78 6.09
CA ILE A 142 -12.93 0.93 5.67
C ILE A 142 -12.33 -0.43 5.35
N ALA A 143 -12.49 -1.41 6.24
CA ALA A 143 -11.85 -2.69 6.05
C ALA A 143 -12.51 -3.52 4.95
N ARG A 144 -13.80 -3.29 4.68
CA ARG A 144 -14.48 -4.08 3.66
C ARG A 144 -13.97 -3.75 2.25
N ARG A 145 -13.34 -2.59 2.06
CA ARG A 145 -12.70 -2.25 0.80
C ARG A 145 -11.22 -2.56 0.78
N HIS A 146 -10.57 -2.58 1.95
CA HIS A 146 -9.14 -2.81 2.08
C HIS A 146 -8.95 -4.04 2.97
N PRO A 147 -9.08 -5.25 2.42
CA PRO A 147 -9.00 -6.45 3.27
C PRO A 147 -7.61 -6.75 3.80
N TYR A 148 -6.58 -6.04 3.33
CA TYR A 148 -5.23 -6.24 3.87
C TYR A 148 -4.75 -4.98 4.57
N PHE A 149 -5.51 -4.51 5.54
CA PHE A 149 -5.14 -3.35 6.33
C PHE A 149 -4.54 -3.81 7.67
N TYR A 150 -3.49 -3.11 8.10
CA TYR A 150 -2.90 -3.35 9.41
C TYR A 150 -3.98 -3.24 10.49
N ALA A 151 -4.18 -4.34 11.22
CA ALA A 151 -5.29 -4.40 12.15
C ALA A 151 -5.23 -3.36 13.27
N PRO A 152 -4.10 -3.11 13.95
CA PRO A 152 -4.08 -2.08 15.00
C PRO A 152 -4.09 -0.66 14.44
N GLU A 153 -3.37 -0.45 13.34
CA GLU A 153 -3.34 0.86 12.72
C GLU A 153 -4.74 1.34 12.34
N LEU A 154 -5.61 0.40 11.93
CA LEU A 154 -6.99 0.76 11.67
C LEU A 154 -7.70 1.22 12.95
N LEU A 155 -7.34 0.64 14.10
CA LEU A 155 -7.91 1.09 15.36
C LEU A 155 -7.47 2.52 15.67
N TYR A 156 -6.17 2.81 15.53
CA TYR A 156 -5.68 4.17 15.79
C TYR A 156 -6.34 5.17 14.85
N TYR A 157 -6.40 4.84 13.55
CA TYR A 157 -7.08 5.72 12.61
C TYR A 157 -8.55 5.90 12.98
N ALA A 158 -9.17 4.87 13.55
CA ALA A 158 -10.55 5.02 14.04
C ALA A 158 -10.61 6.03 15.18
N GLU A 159 -9.60 6.02 16.06
CA GLU A 159 -9.58 7.02 17.13
C GLU A 159 -9.39 8.42 16.56
N GLU A 160 -8.59 8.56 15.51
CA GLU A 160 -8.46 9.86 14.85
C GLU A 160 -9.78 10.31 14.24
N TYR A 161 -10.54 9.36 13.68
CA TYR A 161 -11.89 9.66 13.20
C TYR A 161 -12.76 10.19 14.33
N LYS A 162 -12.76 9.48 15.47
CA LYS A 162 -13.48 9.92 16.66
C LYS A 162 -13.11 11.35 17.04
N GLY A 163 -11.81 11.67 17.03
CA GLY A 163 -11.39 13.03 17.33
C GLY A 163 -11.91 14.03 16.32
N VAL A 164 -11.92 13.67 15.05
CA VAL A 164 -12.41 14.58 14.01
C VAL A 164 -13.85 14.95 14.27
N PHE A 165 -14.72 13.95 14.47
CA PHE A 165 -16.12 14.26 14.73
C PHE A 165 -16.31 14.98 16.05
N THR A 166 -15.54 14.59 17.07
CA THR A 166 -15.65 15.25 18.37
C THR A 166 -15.32 16.74 18.28
N GLU A 167 -14.36 17.10 17.42
CA GLU A 167 -14.01 18.52 17.30
C GLU A 167 -14.98 19.27 16.39
N CYS A 168 -15.36 18.68 15.26
CA CYS A 168 -16.17 19.43 14.29
C CYS A 168 -17.63 19.51 14.69
N CYS A 169 -18.15 18.54 15.46
CA CYS A 169 -19.54 18.66 15.90
C CYS A 169 -19.74 19.69 17.00
N GLU A 170 -18.67 20.29 17.50
CA GLU A 170 -18.74 21.38 18.46
C GLU A 170 -18.17 22.68 17.91
N ALA A 171 -17.99 22.77 16.59
CA ALA A 171 -17.36 23.91 15.95
C ALA A 171 -18.44 24.87 15.41
N ALA A 172 -17.96 25.93 14.78
CA ALA A 172 -18.85 26.95 14.20
C ALA A 172 -19.71 26.38 13.08
N ASP A 173 -19.08 26.00 11.97
CA ASP A 173 -19.76 25.37 10.85
C ASP A 173 -19.29 23.92 10.76
N LYS A 174 -20.22 22.99 10.91
CA LYS A 174 -19.86 21.58 10.97
C LYS A 174 -19.41 21.06 9.60
N ALA A 175 -20.05 21.52 8.52
CA ALA A 175 -19.70 21.04 7.19
C ALA A 175 -18.32 21.54 6.77
N ALA A 176 -18.11 22.86 6.86
CA ALA A 176 -16.82 23.43 6.49
C ALA A 176 -15.70 22.88 7.35
N CYS A 177 -16.00 22.58 8.62
CA CYS A 177 -15.01 21.94 9.48
C CYS A 177 -14.75 20.51 9.05
N LEU A 178 -15.78 19.82 8.56
CA LEU A 178 -15.74 18.37 8.46
C LEU A 178 -15.25 17.85 7.11
N THR A 179 -15.50 18.58 6.01
CA THR A 179 -15.10 18.06 4.70
C THR A 179 -13.58 17.87 4.57
N PRO A 180 -12.74 18.89 4.79
CA PRO A 180 -11.31 18.68 4.55
C PRO A 180 -10.66 17.72 5.53
N LYS A 181 -11.20 17.59 6.75
CA LYS A 181 -10.67 16.63 7.69
C LYS A 181 -10.98 15.20 7.26
N VAL A 182 -12.21 14.96 6.80
CA VAL A 182 -12.57 13.65 6.25
C VAL A 182 -11.66 13.34 5.06
N ASP A 183 -11.40 14.33 4.22
CA ASP A 183 -10.46 14.11 3.11
C ASP A 183 -9.08 13.76 3.63
N ALA A 184 -8.62 14.41 4.70
CA ALA A 184 -7.29 14.16 5.23
C ALA A 184 -7.15 12.74 5.75
N LEU A 185 -8.04 12.33 6.66
CA LEU A 185 -7.98 10.99 7.20
C LEU A 185 -8.21 9.93 6.13
N ARG A 186 -9.00 10.27 5.10
CA ARG A 186 -9.13 9.38 3.96
C ARG A 186 -7.79 9.17 3.26
N GLU A 187 -7.08 10.26 2.99
CA GLU A 187 -5.79 10.16 2.31
C GLU A 187 -4.79 9.36 3.14
N LYS A 188 -4.67 9.68 4.43
CA LYS A 188 -3.72 8.98 5.27
C LYS A 188 -4.07 7.50 5.39
N VAL A 189 -5.38 7.18 5.49
CA VAL A 189 -5.80 5.79 5.60
C VAL A 189 -5.47 5.02 4.32
N LEU A 190 -5.74 5.63 3.16
CA LEU A 190 -5.41 4.97 1.91
C LEU A 190 -3.90 4.80 1.74
N ALA A 191 -3.11 5.73 2.28
CA ALA A 191 -1.66 5.56 2.25
C ALA A 191 -1.23 4.39 3.12
N SER A 192 -1.80 4.27 4.32
CA SER A 192 -1.46 3.16 5.21
C SER A 192 -1.82 1.83 4.57
N SER A 193 -3.03 1.73 3.99
CA SER A 193 -3.44 0.49 3.34
C SER A 193 -2.57 0.18 2.13
N ALA A 194 -2.19 1.21 1.37
CA ALA A 194 -1.35 1.00 0.20
C ALA A 194 0.03 0.48 0.60
N LYS A 195 0.61 1.00 1.69
CA LYS A 195 1.91 0.51 2.12
C LYS A 195 1.81 -0.89 2.71
N GLU A 196 0.75 -1.16 3.47
CA GLU A 196 0.60 -2.47 4.10
C GLU A 196 0.42 -3.57 3.07
N ARG A 197 -0.20 -3.26 1.92
CA ARG A 197 -0.41 -4.27 0.89
C ARG A 197 0.91 -4.79 0.33
N LEU A 198 1.96 -3.96 0.37
CA LEU A 198 3.27 -4.40 -0.11
C LEU A 198 3.96 -5.33 0.87
N LYS A 199 3.75 -5.14 2.17
CA LYS A 199 4.36 -6.04 3.15
C LYS A 199 3.76 -7.44 3.06
N CYS A 200 2.43 -7.53 2.88
CA CYS A 200 1.81 -8.84 2.70
C CYS A 200 2.18 -9.45 1.35
N ALA A 201 2.50 -8.61 0.36
CA ALA A 201 2.97 -9.13 -0.92
C ALA A 201 4.39 -9.65 -0.81
N SER A 202 5.20 -9.06 0.07
CA SER A 202 6.56 -9.55 0.27
C SER A 202 6.58 -10.80 1.13
N LEU A 203 5.68 -10.88 2.12
CA LEU A 203 5.70 -12.01 3.04
C LEU A 203 5.11 -13.26 2.41
N GLN A 204 3.97 -13.12 1.72
CA GLN A 204 3.27 -14.27 1.17
C GLN A 204 3.86 -14.74 -0.16
N LYS A 205 4.55 -13.87 -0.89
CA LYS A 205 5.05 -14.21 -2.22
C LYS A 205 6.56 -14.11 -2.37
N PHE A 206 7.25 -13.36 -1.51
CA PHE A 206 8.69 -13.20 -1.62
C PHE A 206 9.46 -13.72 -0.42
N GLY A 207 8.82 -14.01 0.69
CA GLY A 207 9.51 -14.70 1.76
C GLY A 207 9.97 -13.77 2.88
N GLU A 208 10.05 -14.35 4.08
CA GLU A 208 10.58 -13.61 5.22
C GLU A 208 12.03 -13.18 5.03
N ARG A 209 12.74 -13.81 4.09
CA ARG A 209 14.09 -13.36 3.77
C ARG A 209 14.05 -11.99 3.11
N ALA A 210 13.27 -11.85 2.04
CA ALA A 210 13.13 -10.56 1.37
C ALA A 210 12.53 -9.52 2.31
N PHE A 211 11.48 -9.90 3.04
CA PHE A 211 10.86 -8.94 3.97
C PHE A 211 11.86 -8.49 5.02
N LYS A 212 12.63 -9.42 5.57
CA LYS A 212 13.62 -9.07 6.58
C LYS A 212 14.69 -8.15 6.00
N ALA A 213 15.05 -8.35 4.73
CA ALA A 213 15.99 -7.43 4.09
C ALA A 213 15.40 -6.03 4.01
N TRP A 214 14.15 -5.91 3.57
CA TRP A 214 13.50 -4.61 3.47
C TRP A 214 13.44 -3.92 4.82
N SER A 215 12.93 -4.61 5.84
CA SER A 215 12.79 -4.01 7.17
C SER A 215 14.14 -3.69 7.79
N VAL A 216 15.18 -4.48 7.48
CA VAL A 216 16.51 -4.14 7.96
C VAL A 216 16.99 -2.85 7.32
N ALA A 217 16.73 -2.67 6.02
CA ALA A 217 17.12 -1.44 5.35
C ALA A 217 16.42 -0.23 5.97
N ARG A 218 15.09 -0.28 6.08
CA ARG A 218 14.37 0.88 6.60
C ARG A 218 14.70 1.14 8.07
N LEU A 219 14.77 0.09 8.88
CA LEU A 219 15.07 0.28 10.30
C LEU A 219 16.48 0.82 10.50
N SER A 220 17.45 0.34 9.70
CA SER A 220 18.79 0.89 9.78
C SER A 220 18.81 2.35 9.35
N GLN A 221 17.97 2.71 8.38
CA GLN A 221 17.86 4.12 8.00
C GLN A 221 17.25 4.96 9.12
N LYS A 222 16.35 4.37 9.91
CA LYS A 222 15.61 5.15 10.90
C LYS A 222 16.39 5.30 12.20
N PHE A 223 17.05 4.22 12.66
CA PHE A 223 17.76 4.22 13.93
C PHE A 223 19.20 3.80 13.70
N PRO A 224 20.07 4.73 13.30
CA PRO A 224 21.47 4.36 13.03
C PRO A 224 22.30 4.11 14.27
N LYS A 225 21.84 4.52 15.45
CA LYS A 225 22.60 4.37 16.67
C LYS A 225 22.52 2.98 17.27
N ALA A 226 21.64 2.13 16.76
CA ALA A 226 21.38 0.81 17.36
C ALA A 226 22.39 -0.22 16.89
N GLU A 227 22.54 -1.26 17.71
CA GLU A 227 23.39 -2.40 17.35
C GLU A 227 22.78 -3.20 16.21
N PHE A 228 23.63 -3.92 15.49
CA PHE A 228 23.13 -4.79 14.42
C PHE A 228 22.33 -5.96 14.98
N ALA A 229 22.74 -6.49 16.13
CA ALA A 229 21.98 -7.56 16.77
C ALA A 229 20.61 -7.06 17.20
N GLU A 230 20.54 -5.84 17.70
CA GLU A 230 19.27 -5.26 18.12
C GLU A 230 18.28 -5.21 16.96
N ILE A 231 18.69 -4.63 15.83
CA ILE A 231 17.81 -4.56 14.67
C ILE A 231 17.61 -5.93 14.03
N SER A 232 18.50 -6.90 14.29
CA SER A 232 18.27 -8.24 13.78
C SER A 232 17.13 -8.92 14.52
N LYS A 233 17.21 -8.98 15.85
CA LYS A 233 16.11 -9.49 16.65
C LYS A 233 14.83 -8.71 16.40
N LEU A 234 14.94 -7.38 16.29
CA LEU A 234 13.76 -6.55 16.06
C LEU A 234 13.10 -6.86 14.74
N VAL A 235 13.89 -6.93 13.66
CA VAL A 235 13.31 -7.23 12.35
C VAL A 235 12.75 -8.64 12.32
N THR A 236 13.33 -9.57 13.08
CA THR A 236 12.74 -10.89 13.23
C THR A 236 11.34 -10.78 13.83
N ASP A 237 11.21 -10.04 14.94
CA ASP A 237 9.91 -9.89 15.59
C ASP A 237 8.91 -9.21 14.66
N LEU A 238 9.34 -8.13 13.99
CA LEU A 238 8.45 -7.43 13.07
C LEU A 238 7.97 -8.34 11.95
N ALA A 239 8.88 -9.14 11.39
CA ALA A 239 8.49 -10.13 10.39
C ALA A 239 7.48 -11.11 10.96
N LYS A 240 7.59 -11.42 12.26
CA LYS A 240 6.61 -12.32 12.87
C LYS A 240 5.23 -11.66 12.94
N ILE A 241 5.16 -10.43 13.46
CA ILE A 241 3.86 -9.79 13.65
C ILE A 241 3.19 -9.51 12.31
N HIS A 242 3.96 -9.11 11.30
CA HIS A 242 3.38 -8.91 9.98
C HIS A 242 3.03 -10.25 9.32
N LYS A 243 3.78 -11.31 9.65
CA LYS A 243 3.38 -12.64 9.22
C LYS A 243 2.00 -13.00 9.75
N GLU A 244 1.74 -12.70 11.03
CA GLU A 244 0.43 -13.00 11.59
C GLU A 244 -0.66 -12.11 11.01
N CYS A 245 -0.37 -10.82 10.81
CA CYS A 245 -1.39 -9.94 10.25
C CYS A 245 -1.71 -10.28 8.79
N CYS A 246 -0.73 -10.78 8.03
CA CYS A 246 -0.99 -11.14 6.64
C CYS A 246 -1.63 -12.51 6.49
N HIS A 247 -1.54 -13.36 7.51
CA HIS A 247 -2.16 -14.68 7.48
C HIS A 247 -3.51 -14.70 8.20
N GLY A 248 -4.11 -13.54 8.41
CA GLY A 248 -5.40 -13.46 9.07
C GLY A 248 -5.39 -13.65 10.56
N ASP A 249 -4.20 -13.66 11.18
CA ASP A 249 -4.07 -13.85 12.64
C ASP A 249 -4.01 -12.48 13.28
N LEU A 250 -5.19 -11.85 13.39
CA LEU A 250 -5.24 -10.44 13.76
C LEU A 250 -5.07 -10.23 15.27
N LEU A 251 -5.63 -11.11 16.09
CA LEU A 251 -5.54 -10.92 17.54
C LEU A 251 -4.10 -11.05 18.03
N GLU A 252 -3.42 -12.14 17.65
CA GLU A 252 -2.02 -12.30 18.02
C GLU A 252 -1.11 -11.28 17.35
N CYS A 253 -1.52 -10.73 16.20
CA CYS A 253 -0.74 -9.67 15.58
C CYS A 253 -0.83 -8.39 16.39
N ALA A 254 -2.03 -8.03 16.83
CA ALA A 254 -2.20 -6.83 17.65
C ALA A 254 -1.50 -6.99 19.00
N ASP A 255 -1.69 -8.15 19.64
CA ASP A 255 -1.00 -8.41 20.91
C ASP A 255 0.50 -8.36 20.74
N ASP A 256 1.03 -8.96 19.68
CA ASP A 256 2.47 -8.95 19.44
C ASP A 256 2.98 -7.54 19.15
N ARG A 257 2.16 -6.72 18.47
CA ARG A 257 2.56 -5.33 18.23
C ARG A 257 2.64 -4.56 19.55
N ALA A 258 1.65 -4.75 20.42
CA ALA A 258 1.70 -4.12 21.74
C ALA A 258 2.93 -4.56 22.52
N ASP A 259 3.22 -5.86 22.50
CA ASP A 259 4.40 -6.36 23.21
C ASP A 259 5.69 -5.77 22.62
N LEU A 260 5.73 -5.60 21.30
CA LEU A 260 6.93 -5.02 20.67
C LEU A 260 7.11 -3.57 21.08
N ALA A 261 6.01 -2.79 21.09
CA ALA A 261 6.10 -1.41 21.56
C ALA A 261 6.57 -1.37 23.02
N LYS A 262 6.08 -2.31 23.84
CA LYS A 262 6.52 -2.39 25.23
C LYS A 262 8.03 -2.63 25.32
N TYR A 263 8.53 -3.63 24.58
CA TYR A 263 9.96 -3.93 24.62
C TYR A 263 10.79 -2.75 24.15
N ILE A 264 10.35 -2.09 23.08
CA ILE A 264 11.08 -0.92 22.57
C ILE A 264 11.10 0.18 23.62
N CYS A 265 9.98 0.41 24.31
CA CYS A 265 9.96 1.43 25.35
C CYS A 265 10.76 1.03 26.59
N GLU A 266 11.05 -0.25 26.77
CA GLU A 266 11.93 -0.67 27.85
C GLU A 266 13.40 -0.67 27.46
N ASN A 267 13.73 -0.30 26.23
CA ASN A 267 15.11 -0.30 25.75
C ASN A 267 15.37 0.94 24.91
N GLN A 268 15.11 2.12 25.49
CA GLN A 268 15.28 3.36 24.75
C GLN A 268 16.74 3.64 24.43
N ASP A 269 17.63 3.41 25.41
CA ASP A 269 19.04 3.71 25.20
C ASP A 269 19.67 2.83 24.13
N SER A 270 19.15 1.61 23.96
CA SER A 270 19.74 0.66 23.02
C SER A 270 19.31 0.91 21.58
N ILE A 271 18.41 1.85 21.32
CA ILE A 271 17.83 2.01 20.00
C ILE A 271 18.09 3.41 19.46
N SER A 272 17.47 4.42 20.06
CA SER A 272 17.53 5.78 19.52
C SER A 272 17.34 6.78 20.65
N THR A 273 17.22 8.05 20.28
CA THR A 273 16.94 9.13 21.23
C THR A 273 15.66 9.86 20.91
N LYS A 274 14.92 9.43 19.88
CA LYS A 274 13.70 10.09 19.44
C LYS A 274 12.44 9.47 20.02
N LEU A 275 12.58 8.58 21.01
CA LEU A 275 11.46 7.80 21.53
C LEU A 275 10.96 8.28 22.89
N LYS A 276 11.51 9.39 23.40
CA LYS A 276 11.17 9.82 24.75
C LYS A 276 9.69 10.20 24.87
N GLU A 277 9.16 10.92 23.88
CA GLU A 277 7.80 11.42 23.96
C GLU A 277 6.78 10.52 23.27
N CYS A 278 7.22 9.48 22.57
CA CYS A 278 6.28 8.55 21.97
C CYS A 278 5.75 7.54 22.99
N CYS A 279 6.63 7.09 23.90
CA CYS A 279 6.25 6.08 24.88
C CYS A 279 5.32 6.61 25.97
N GLY A 280 5.11 7.92 26.04
CA GLY A 280 4.20 8.47 27.02
C GLY A 280 2.80 8.66 26.47
N LYS A 281 2.36 7.72 25.64
CA LYS A 281 1.07 7.76 24.98
C LYS A 281 0.38 6.42 25.13
N PRO A 282 -0.94 6.36 24.94
CA PRO A 282 -1.65 5.07 24.95
C PRO A 282 -1.09 4.12 23.90
N VAL A 283 -1.52 2.86 23.99
CA VAL A 283 -0.88 1.77 23.27
C VAL A 283 -0.88 2.05 21.76
N LEU A 284 -2.02 2.45 21.21
CA LEU A 284 -2.10 2.67 19.77
C LEU A 284 -1.42 3.97 19.36
N GLU A 285 -1.59 5.04 20.15
CA GLU A 285 -0.82 6.26 19.89
C GLU A 285 0.67 5.99 20.00
N LYS A 286 1.07 5.09 20.91
CA LYS A 286 2.47 4.72 21.04
C LYS A 286 2.94 3.98 19.79
N SER A 287 2.15 3.02 19.30
CA SER A 287 2.59 2.20 18.18
C SER A 287 2.62 2.99 16.88
N HIS A 288 1.70 3.95 16.73
CA HIS A 288 1.74 4.83 15.56
C HIS A 288 2.92 5.79 15.65
N CYS A 289 3.08 6.42 16.82
CA CYS A 289 4.19 7.34 17.06
C CYS A 289 5.53 6.68 16.74
N ILE A 290 5.74 5.46 17.24
CA ILE A 290 6.96 4.72 16.94
C ILE A 290 7.00 4.35 15.45
N SER A 291 5.84 3.99 14.90
CA SER A 291 5.78 3.51 13.51
C SER A 291 6.25 4.59 12.54
N GLU A 292 6.04 5.88 12.86
CA GLU A 292 6.58 6.97 12.05
C GLU A 292 7.20 8.02 12.99
N VAL A 293 8.36 7.69 13.53
CA VAL A 293 9.20 8.66 14.26
C VAL A 293 10.33 9.07 13.33
N GLU A 294 10.75 10.34 13.43
CA GLU A 294 11.71 10.88 12.48
C GLU A 294 13.06 10.18 12.61
N ARG A 295 13.85 10.26 11.53
CA ARG A 295 15.14 9.59 11.48
C ARG A 295 16.09 10.18 12.52
N ASP A 296 16.84 9.29 13.18
CA ASP A 296 17.73 9.70 14.25
C ASP A 296 19.06 10.19 13.69
N GLU A 297 19.85 10.82 14.56
CA GLU A 297 21.16 11.32 14.18
C GLU A 297 22.18 10.18 14.15
N LEU A 298 23.30 10.44 13.47
CA LEU A 298 24.29 9.39 13.28
C LEU A 298 25.44 9.53 14.27
N PRO A 299 25.90 8.43 14.87
CA PRO A 299 27.06 8.50 15.78
C PRO A 299 28.35 8.91 15.07
N ALA A 300 29.44 9.04 15.83
CA ALA A 300 30.70 9.55 15.29
C ALA A 300 31.77 8.49 15.11
N ASP A 301 31.63 7.32 15.74
CA ASP A 301 32.69 6.32 15.73
C ASP A 301 32.64 5.43 14.49
N LEU A 302 32.24 6.00 13.34
CA LEU A 302 32.11 5.17 12.14
C LEU A 302 33.24 5.46 11.17
N PRO A 303 33.93 4.43 10.68
CA PRO A 303 34.99 4.63 9.71
C PRO A 303 34.48 4.47 8.29
N PRO A 304 35.35 4.13 7.35
CA PRO A 304 34.92 3.95 5.96
C PRO A 304 34.42 2.54 5.70
N LEU A 305 33.46 2.44 4.78
CA LEU A 305 32.91 1.13 4.41
C LEU A 305 33.95 0.28 3.68
N ALA A 306 34.75 0.92 2.82
CA ALA A 306 35.74 0.20 2.01
C ALA A 306 36.78 -0.51 2.86
N VAL A 307 37.00 -0.05 4.09
CA VAL A 307 38.00 -0.70 4.94
C VAL A 307 37.55 -2.11 5.30
N ASP A 308 36.26 -2.27 5.61
CA ASP A 308 35.75 -3.56 6.06
C ASP A 308 35.16 -4.40 4.95
N PHE A 309 34.65 -3.79 3.88
CA PHE A 309 33.87 -4.53 2.89
C PHE A 309 34.49 -4.57 1.50
N VAL A 310 35.63 -3.92 1.27
CA VAL A 310 36.26 -3.96 -0.04
C VAL A 310 37.75 -4.23 0.12
N GLU A 311 38.41 -3.46 0.98
CA GLU A 311 39.85 -3.62 1.17
C GLU A 311 40.21 -4.70 2.18
N ASP A 312 39.25 -5.18 2.96
CA ASP A 312 39.54 -6.17 3.97
C ASP A 312 39.95 -7.50 3.34
N LYS A 313 40.74 -8.26 4.08
CA LYS A 313 41.26 -9.54 3.62
C LYS A 313 40.40 -10.73 4.04
N GLU A 314 39.33 -10.50 4.80
CA GLU A 314 38.45 -11.56 5.25
C GLU A 314 37.21 -11.70 4.38
N VAL A 315 37.23 -11.13 3.18
CA VAL A 315 35.99 -10.97 2.42
C VAL A 315 35.41 -12.33 2.00
N CYS A 316 36.26 -13.23 1.49
CA CYS A 316 35.75 -14.51 1.00
C CYS A 316 35.53 -15.51 2.13
N LYS A 317 36.42 -15.56 3.12
CA LYS A 317 36.27 -16.54 4.19
C LYS A 317 35.11 -16.18 5.11
N ASN A 318 34.99 -14.91 5.48
CA ASN A 318 33.88 -14.49 6.34
C ASN A 318 32.54 -14.67 5.63
N TYR A 319 32.49 -14.33 4.33
CA TYR A 319 31.26 -14.53 3.57
C TYR A 319 30.93 -16.01 3.43
N GLN A 320 31.95 -16.86 3.30
CA GLN A 320 31.73 -18.30 3.23
C GLN A 320 31.33 -18.88 4.59
N GLU A 321 31.64 -18.19 5.69
CA GLU A 321 31.29 -18.71 7.00
C GLU A 321 29.82 -18.49 7.33
N ALA A 322 29.28 -17.31 6.99
CA ALA A 322 27.87 -17.02 7.24
C ALA A 322 27.48 -15.89 6.28
N LYS A 323 26.91 -16.27 5.13
CA LYS A 323 26.69 -15.29 4.06
C LYS A 323 25.50 -14.38 4.34
N ASP A 324 24.45 -14.91 4.98
CA ASP A 324 23.26 -14.10 5.24
C ASP A 324 23.53 -13.07 6.34
N VAL A 325 24.24 -13.47 7.39
CA VAL A 325 24.60 -12.52 8.43
C VAL A 325 25.59 -11.50 7.89
N PHE A 326 26.53 -11.94 7.05
CA PHE A 326 27.48 -11.02 6.43
C PHE A 326 26.77 -9.95 5.61
N LEU A 327 25.94 -10.39 4.64
CA LEU A 327 25.25 -9.43 3.78
C LEU A 327 24.29 -8.57 4.58
N GLY A 328 23.67 -9.12 5.62
CA GLY A 328 22.83 -8.31 6.49
C GLY A 328 23.61 -7.22 7.19
N THR A 329 24.84 -7.53 7.62
CA THR A 329 25.70 -6.50 8.19
C THR A 329 26.09 -5.47 7.14
N PHE A 330 26.28 -5.91 5.89
CA PHE A 330 26.61 -4.99 4.81
C PHE A 330 25.48 -3.98 4.60
N LEU A 331 24.25 -4.47 4.43
CA LEU A 331 23.11 -3.57 4.25
C LEU A 331 22.87 -2.71 5.48
N TYR A 332 23.13 -3.25 6.67
CA TYR A 332 22.98 -2.47 7.90
C TYR A 332 23.96 -1.30 7.92
N GLU A 333 25.21 -1.55 7.57
CA GLU A 333 26.21 -0.48 7.58
C GLU A 333 25.98 0.52 6.45
N TYR A 334 25.51 0.04 5.30
CA TYR A 334 25.27 0.93 4.18
C TYR A 334 24.06 1.83 4.43
N SER A 335 23.01 1.28 5.05
CA SER A 335 21.77 2.01 5.22
C SER A 335 21.87 3.07 6.31
N ARG A 336 22.51 2.74 7.44
CA ARG A 336 22.60 3.67 8.56
C ARG A 336 23.39 4.92 8.25
N ARG A 337 24.09 4.96 7.11
CA ARG A 337 24.83 6.14 6.70
C ARG A 337 24.20 6.85 5.51
N HIS A 338 23.07 6.36 5.01
CA HIS A 338 22.42 6.92 3.82
C HIS A 338 20.91 6.92 3.98
N PRO A 339 20.37 7.87 4.76
CA PRO A 339 18.92 8.12 4.74
C PRO A 339 18.45 8.90 3.52
N GLU A 340 19.33 9.22 2.58
CA GLU A 340 18.98 9.90 1.35
C GLU A 340 18.73 8.93 0.20
N TYR A 341 19.01 7.64 0.38
CA TYR A 341 18.69 6.63 -0.61
C TYR A 341 17.33 6.03 -0.33
N SER A 342 16.70 5.51 -1.38
CA SER A 342 15.51 4.70 -1.19
C SER A 342 15.92 3.32 -0.67
N VAL A 343 14.97 2.65 -0.03
CA VAL A 343 15.22 1.29 0.44
C VAL A 343 15.51 0.37 -0.73
N SER A 344 14.78 0.54 -1.83
CA SER A 344 14.97 -0.30 -3.01
C SER A 344 16.37 -0.12 -3.59
N LEU A 345 16.88 1.11 -3.59
CA LEU A 345 18.24 1.34 -4.08
C LEU A 345 19.26 0.60 -3.22
N LEU A 346 19.16 0.74 -1.89
CA LEU A 346 20.06 0.05 -0.98
C LEU A 346 20.02 -1.46 -1.20
N LEU A 347 18.82 -2.02 -1.39
CA LEU A 347 18.71 -3.45 -1.58
C LEU A 347 19.29 -3.89 -2.92
N ARG A 348 19.10 -3.09 -3.96
CA ARG A 348 19.73 -3.39 -5.25
C ARG A 348 21.25 -3.41 -5.13
N LEU A 349 21.81 -2.42 -4.42
CA LEU A 349 23.25 -2.43 -4.17
C LEU A 349 23.66 -3.68 -3.39
N ALA A 350 22.82 -4.11 -2.43
CA ALA A 350 23.14 -5.29 -1.65
C ALA A 350 23.18 -6.54 -2.52
N LYS A 351 22.27 -6.64 -3.50
CA LYS A 351 22.27 -7.80 -4.38
C LYS A 351 23.45 -7.76 -5.34
N GLU A 352 23.81 -6.57 -5.83
CA GLU A 352 25.01 -6.46 -6.65
C GLU A 352 26.26 -6.89 -5.88
N TYR A 353 26.35 -6.49 -4.61
CA TYR A 353 27.46 -6.92 -3.77
C TYR A 353 27.43 -8.42 -3.54
N GLU A 354 26.24 -9.00 -3.37
CA GLU A 354 26.12 -10.44 -3.19
C GLU A 354 26.64 -11.19 -4.40
N ALA A 355 26.20 -10.82 -5.60
CA ALA A 355 26.68 -11.48 -6.81
C ALA A 355 28.19 -11.25 -7.00
N THR A 356 28.67 -10.06 -6.64
CA THR A 356 30.09 -9.79 -6.73
C THR A 356 30.89 -10.76 -5.86
N LEU A 357 30.52 -10.89 -4.59
CA LEU A 357 31.18 -11.87 -3.74
C LEU A 357 30.93 -13.31 -4.19
N GLU A 358 29.90 -13.53 -5.00
CA GLU A 358 29.63 -14.88 -5.49
C GLU A 358 30.53 -15.25 -6.65
N LYS A 359 30.90 -14.28 -7.49
CA LYS A 359 31.72 -14.59 -8.67
C LYS A 359 33.20 -14.30 -8.48
N CYS A 360 33.58 -13.36 -7.61
CA CYS A 360 34.99 -13.03 -7.47
C CYS A 360 35.79 -14.03 -6.65
N CYS A 361 35.19 -14.62 -5.62
CA CYS A 361 35.94 -15.54 -4.79
C CYS A 361 36.30 -16.84 -5.50
N ALA A 362 35.71 -17.10 -6.67
CA ALA A 362 36.07 -18.27 -7.47
C ALA A 362 36.91 -17.93 -8.68
N THR A 363 36.94 -16.66 -9.09
CA THR A 363 37.67 -16.26 -10.29
C THR A 363 39.18 -16.25 -9.99
N ASP A 364 39.94 -15.56 -10.84
CA ASP A 364 41.40 -15.55 -10.78
C ASP A 364 41.92 -15.12 -9.42
N ASP A 365 41.74 -13.84 -9.07
CA ASP A 365 42.20 -13.31 -7.79
C ASP A 365 41.03 -12.66 -7.09
N PRO A 366 40.67 -13.10 -5.89
CA PRO A 366 39.51 -12.53 -5.20
C PRO A 366 39.72 -11.05 -4.92
N PRO A 367 40.67 -10.71 -4.04
CA PRO A 367 40.87 -9.29 -3.66
C PRO A 367 40.97 -8.34 -4.83
N ALA A 368 41.73 -8.71 -5.87
CA ALA A 368 41.95 -7.81 -7.00
C ALA A 368 40.63 -7.43 -7.67
N CYS A 369 39.77 -8.41 -7.92
CA CYS A 369 38.55 -8.14 -8.69
C CYS A 369 37.43 -7.62 -7.81
N TYR A 370 37.32 -8.05 -6.54
CA TYR A 370 36.29 -7.43 -5.71
C TYR A 370 36.77 -6.12 -5.09
N ALA A 371 37.97 -5.65 -5.44
CA ALA A 371 38.35 -4.28 -5.11
C ALA A 371 37.69 -3.25 -6.02
N HIS A 372 36.90 -3.68 -7.02
CA HIS A 372 36.31 -2.79 -8.01
C HIS A 372 34.79 -2.71 -7.89
N VAL A 373 34.28 -2.82 -6.67
CA VAL A 373 32.82 -2.84 -6.48
C VAL A 373 32.22 -1.47 -6.73
N PHE A 374 32.96 -0.40 -6.41
CA PHE A 374 32.40 0.95 -6.53
C PHE A 374 32.08 1.27 -7.97
N ASP A 375 32.91 0.80 -8.92
CA ASP A 375 32.62 0.95 -10.34
C ASP A 375 31.26 0.39 -10.68
N GLU A 376 30.89 -0.75 -10.07
CA GLU A 376 29.55 -1.30 -10.26
C GLU A 376 28.50 -0.47 -9.53
N PHE A 377 28.86 0.14 -8.40
CA PHE A 377 27.91 0.94 -7.64
C PHE A 377 27.63 2.30 -8.26
N LYS A 378 28.43 2.75 -9.24
CA LYS A 378 28.21 4.09 -9.79
C LYS A 378 26.91 4.19 -10.59
N PRO A 379 26.67 3.37 -11.62
CA PRO A 379 25.48 3.61 -12.46
C PRO A 379 24.16 3.20 -11.80
N LEU A 380 24.20 2.51 -10.66
CA LEU A 380 22.96 2.11 -10.00
C LEU A 380 22.34 3.25 -9.19
N VAL A 381 23.16 4.16 -8.68
CA VAL A 381 22.62 5.32 -7.96
C VAL A 381 22.24 6.44 -8.93
N GLU A 382 22.84 6.48 -10.12
CA GLU A 382 22.57 7.56 -11.05
C GLU A 382 21.14 7.49 -11.59
N GLU A 383 20.73 6.32 -12.07
CA GLU A 383 19.44 6.21 -12.76
C GLU A 383 18.25 6.64 -11.91
N PRO A 384 18.15 6.29 -10.62
CA PRO A 384 17.05 6.82 -9.80
C PRO A 384 17.00 8.34 -9.76
N HIS A 385 18.11 8.97 -9.37
CA HIS A 385 18.12 10.43 -9.22
C HIS A 385 17.88 11.13 -10.56
N ASN A 386 18.36 10.55 -11.65
CA ASN A 386 18.04 11.10 -12.97
C ASN A 386 16.54 11.16 -13.19
N LEU A 387 15.83 10.09 -12.83
CA LEU A 387 14.40 10.00 -13.08
C LEU A 387 13.59 10.84 -12.10
N VAL A 388 14.03 10.98 -10.85
CA VAL A 388 13.33 11.88 -9.94
C VAL A 388 13.55 13.32 -10.35
N LYS A 389 14.72 13.64 -10.88
CA LYS A 389 14.96 14.97 -11.44
C LYS A 389 14.03 15.24 -12.61
N THR A 390 14.06 14.37 -13.61
CA THR A 390 13.24 14.56 -14.81
C THR A 390 11.76 14.63 -14.46
N ASN A 391 11.29 13.71 -13.63
CA ASN A 391 9.85 13.63 -13.35
C ASN A 391 9.37 14.73 -12.42
N CYS A 392 10.22 15.21 -11.49
CA CYS A 392 9.84 16.40 -10.74
C CYS A 392 9.82 17.63 -11.64
N GLU A 393 10.72 17.69 -12.63
CA GLU A 393 10.66 18.75 -13.64
C GLU A 393 9.31 18.73 -14.36
N LEU A 394 8.91 17.55 -14.86
CA LEU A 394 7.64 17.45 -15.58
C LEU A 394 6.47 17.78 -14.67
N PHE A 395 6.52 17.35 -13.41
CA PHE A 395 5.44 17.66 -12.48
C PHE A 395 5.31 19.16 -12.26
N GLU A 396 6.43 19.84 -12.06
CA GLU A 396 6.38 21.29 -11.89
C GLU A 396 5.94 21.99 -13.17
N LYS A 397 6.22 21.40 -14.33
CA LYS A 397 5.84 22.03 -15.59
C LYS A 397 4.36 21.87 -15.89
N LEU A 398 3.78 20.71 -15.61
CA LEU A 398 2.41 20.42 -16.04
C LEU A 398 1.37 20.49 -14.92
N GLY A 399 1.78 20.42 -13.66
CA GLY A 399 0.82 20.27 -12.59
C GLY A 399 0.41 18.81 -12.42
N GLU A 400 -0.42 18.56 -11.42
CA GLU A 400 -0.78 17.19 -11.09
C GLU A 400 -1.64 16.56 -12.18
N TYR A 401 -2.60 17.30 -12.72
CA TYR A 401 -3.50 16.74 -13.73
C TYR A 401 -2.75 16.39 -15.00
N GLY A 402 -2.03 17.35 -15.57
CA GLY A 402 -1.22 17.07 -16.74
C GLY A 402 -0.15 16.03 -16.48
N PHE A 403 0.31 15.93 -15.22
CA PHE A 403 1.26 14.88 -14.86
C PHE A 403 0.62 13.51 -14.98
N GLN A 404 -0.61 13.36 -14.46
CA GLN A 404 -1.33 12.10 -14.58
C GLN A 404 -1.64 11.79 -16.04
N ASN A 405 -1.91 12.82 -16.84
CA ASN A 405 -2.20 12.60 -18.26
C ASN A 405 -0.97 12.10 -19.01
N ALA A 406 0.15 12.82 -18.86
CA ALA A 406 1.39 12.40 -19.52
C ALA A 406 1.82 11.02 -19.06
N LEU A 407 1.66 10.71 -17.77
CA LEU A 407 1.97 9.38 -17.29
C LEU A 407 1.02 8.34 -17.89
N LEU A 408 -0.24 8.71 -18.13
CA LEU A 408 -1.16 7.80 -18.81
C LEU A 408 -0.72 7.54 -20.24
N VAL A 409 -0.15 8.55 -20.91
CA VAL A 409 0.42 8.33 -22.24
C VAL A 409 1.57 7.35 -22.15
N ARG A 410 2.53 7.64 -21.26
CA ARG A 410 3.72 6.81 -21.11
C ARG A 410 3.37 5.36 -20.83
N TYR A 411 2.49 5.13 -19.86
CA TYR A 411 2.22 3.77 -19.40
C TYR A 411 1.12 3.06 -20.19
N THR A 412 0.30 3.80 -20.94
CA THR A 412 -0.57 3.13 -21.92
C THR A 412 0.24 2.68 -23.12
N LYS A 413 1.20 3.49 -23.56
CA LYS A 413 2.16 3.02 -24.55
C LYS A 413 3.04 1.91 -24.00
N LYS A 414 3.22 1.87 -22.67
CA LYS A 414 4.01 0.80 -22.07
C LYS A 414 3.29 -0.54 -22.16
N VAL A 415 2.04 -0.59 -21.70
CA VAL A 415 1.30 -1.85 -21.60
C VAL A 415 -0.14 -1.65 -22.05
N PRO A 416 -0.42 -1.72 -23.35
CA PRO A 416 -1.78 -1.47 -23.85
C PRO A 416 -2.76 -2.61 -23.63
N GLN A 417 -2.34 -3.74 -23.05
CA GLN A 417 -3.24 -4.85 -22.79
C GLN A 417 -3.97 -4.71 -21.46
N VAL A 418 -3.67 -3.68 -20.68
CA VAL A 418 -4.18 -3.58 -19.31
C VAL A 418 -5.60 -3.05 -19.34
N SER A 419 -6.42 -3.54 -18.41
CA SER A 419 -7.76 -3.01 -18.21
C SER A 419 -7.69 -1.51 -17.91
N THR A 420 -8.62 -0.75 -18.50
CA THR A 420 -8.58 0.71 -18.38
C THR A 420 -8.72 1.20 -16.94
N PRO A 421 -9.68 0.72 -16.13
CA PRO A 421 -9.76 1.21 -14.74
C PRO A 421 -8.48 1.01 -13.95
N THR A 422 -7.70 -0.04 -14.24
CA THR A 422 -6.43 -0.22 -13.56
C THR A 422 -5.36 0.72 -14.10
N LEU A 423 -5.38 0.97 -15.41
CA LEU A 423 -4.45 1.93 -16.01
C LEU A 423 -4.63 3.31 -15.38
N VAL A 424 -5.88 3.81 -15.35
CA VAL A 424 -6.12 5.13 -14.78
C VAL A 424 -5.92 5.12 -13.27
N GLU A 425 -6.41 4.06 -12.61
CA GLU A 425 -6.28 3.98 -11.15
C GLU A 425 -4.83 4.02 -10.70
N VAL A 426 -3.95 3.34 -11.42
CA VAL A 426 -2.54 3.38 -11.07
C VAL A 426 -1.89 4.67 -11.55
N SER A 427 -2.38 5.25 -12.65
CA SER A 427 -1.75 6.45 -13.19
C SER A 427 -2.01 7.69 -12.33
N ARG A 428 -3.19 7.79 -11.72
CA ARG A 428 -3.47 8.94 -10.86
C ARG A 428 -2.63 8.87 -9.58
N SER A 429 -2.60 7.69 -8.94
CA SER A 429 -1.72 7.49 -7.80
C SER A 429 -0.27 7.70 -8.17
N LEU A 430 0.11 7.39 -9.41
CA LEU A 430 1.42 7.76 -9.91
C LEU A 430 1.58 9.28 -9.89
N GLY A 431 0.55 10.00 -10.35
CA GLY A 431 0.60 11.44 -10.36
C GLY A 431 0.69 12.08 -8.99
N LYS A 432 0.23 11.37 -7.96
CA LYS A 432 0.28 11.92 -6.61
C LYS A 432 1.70 11.94 -6.02
N VAL A 433 2.67 11.29 -6.66
CA VAL A 433 4.03 11.29 -6.12
C VAL A 433 4.65 12.68 -6.20
N GLY A 434 4.26 13.48 -7.19
CA GLY A 434 4.75 14.85 -7.26
C GLY A 434 4.15 15.72 -6.18
N SER A 435 2.86 15.51 -5.88
CA SER A 435 2.23 16.24 -4.79
C SER A 435 2.77 15.80 -3.43
N LYS A 436 3.30 14.59 -3.35
CA LYS A 436 3.78 14.09 -2.06
C LYS A 436 5.27 14.33 -1.85
N CYS A 437 6.11 14.06 -2.86
CA CYS A 437 7.55 14.01 -2.67
C CYS A 437 8.31 15.19 -3.26
N CYS A 438 7.94 15.67 -4.46
CA CYS A 438 8.67 16.79 -5.05
C CYS A 438 8.55 18.06 -4.21
N THR A 439 7.60 18.13 -3.28
CA THR A 439 7.51 19.28 -2.39
C THR A 439 8.62 19.29 -1.35
N HIS A 440 9.27 18.16 -1.10
CA HIS A 440 10.29 18.04 -0.08
C HIS A 440 11.63 18.55 -0.61
N PRO A 441 12.58 18.84 0.30
CA PRO A 441 13.95 19.11 -0.15
C PRO A 441 14.55 17.92 -0.88
N GLU A 442 15.56 18.21 -1.69
CA GLU A 442 16.17 17.19 -2.55
C GLU A 442 16.89 16.10 -1.76
N ALA A 443 17.10 16.29 -0.45
CA ALA A 443 17.72 15.25 0.37
C ALA A 443 16.75 14.14 0.73
N GLU A 444 15.44 14.41 0.67
CA GLU A 444 14.41 13.42 0.97
C GLU A 444 13.55 13.11 -0.24
N ARG A 445 14.05 13.41 -1.45
CA ARG A 445 13.25 13.23 -2.66
C ARG A 445 13.27 11.79 -3.14
N LEU A 446 14.47 11.20 -3.24
CA LEU A 446 14.59 9.86 -3.81
C LEU A 446 13.95 8.81 -2.93
N SER A 447 14.08 8.94 -1.60
CA SER A 447 13.51 7.99 -0.67
C SER A 447 11.98 7.92 -0.83
N CYS A 448 11.31 9.00 -0.43
CA CYS A 448 9.88 9.20 -0.65
C CYS A 448 9.45 8.71 -2.02
N ALA A 449 10.08 9.26 -3.06
CA ALA A 449 9.72 8.98 -4.44
C ALA A 449 9.76 7.49 -4.75
N GLU A 450 10.94 6.88 -4.71
CA GLU A 450 11.07 5.51 -5.16
C GLU A 450 10.29 4.53 -4.28
N ASP A 451 10.30 4.73 -2.96
CA ASP A 451 9.51 3.85 -2.11
C ASP A 451 8.02 3.92 -2.47
N TYR A 452 7.51 5.15 -2.60
CA TYR A 452 6.12 5.34 -3.04
C TYR A 452 5.86 4.64 -4.37
N LEU A 453 6.80 4.75 -5.31
CA LEU A 453 6.59 4.15 -6.63
C LEU A 453 6.54 2.64 -6.55
N SER A 454 7.42 2.02 -5.74
CA SER A 454 7.34 0.57 -5.57
C SER A 454 6.04 0.16 -4.90
N VAL A 455 5.48 1.00 -4.04
CA VAL A 455 4.17 0.71 -3.45
C VAL A 455 3.09 0.72 -4.52
N VAL A 456 3.04 1.79 -5.33
CA VAL A 456 2.02 1.91 -6.36
C VAL A 456 2.11 0.75 -7.34
N LEU A 457 3.33 0.45 -7.82
CA LEU A 457 3.51 -0.66 -8.73
C LEU A 457 3.16 -1.99 -8.06
N ASN A 458 3.30 -2.07 -6.73
CA ASN A 458 2.84 -3.26 -6.02
C ASN A 458 1.33 -3.40 -6.13
N ARG A 459 0.59 -2.30 -5.94
CA ARG A 459 -0.86 -2.35 -6.14
C ARG A 459 -1.19 -2.76 -7.58
N LEU A 460 -0.44 -2.22 -8.55
CA LEU A 460 -0.66 -2.61 -9.94
C LEU A 460 -0.45 -4.11 -10.14
N CYS A 461 0.58 -4.67 -9.52
CA CYS A 461 0.87 -6.09 -9.72
C CYS A 461 -0.16 -6.98 -9.02
N VAL A 462 -0.67 -6.57 -7.86
CA VAL A 462 -1.70 -7.38 -7.21
C VAL A 462 -3.06 -7.23 -7.88
N LEU A 463 -3.28 -6.15 -8.64
CA LEU A 463 -4.49 -6.09 -9.44
C LEU A 463 -4.35 -6.86 -10.76
N HIS A 464 -3.14 -6.88 -11.33
CA HIS A 464 -2.89 -7.67 -12.54
C HIS A 464 -2.83 -9.17 -12.23
N GLU A 465 -2.51 -9.53 -10.98
CA GLU A 465 -2.45 -10.94 -10.61
C GLU A 465 -3.81 -11.62 -10.71
N LYS A 466 -4.89 -10.87 -10.49
CA LYS A 466 -6.22 -11.45 -10.51
C LYS A 466 -6.60 -11.92 -11.91
N THR A 467 -6.34 -11.11 -12.92
CA THR A 467 -6.62 -11.46 -14.32
C THR A 467 -5.44 -11.04 -15.18
N PRO A 468 -4.48 -11.94 -15.39
CA PRO A 468 -3.33 -11.60 -16.25
C PRO A 468 -3.76 -11.40 -17.69
N VAL A 469 -3.16 -10.39 -18.34
CA VAL A 469 -3.54 -10.04 -19.70
C VAL A 469 -2.29 -9.79 -20.54
N SER A 470 -1.26 -9.20 -19.95
CA SER A 470 -0.04 -8.85 -20.65
C SER A 470 1.12 -9.68 -20.11
N GLU A 471 2.02 -10.09 -21.01
CA GLU A 471 3.16 -10.91 -20.63
C GLU A 471 4.25 -10.08 -19.95
N ARG A 472 4.49 -8.86 -20.46
CA ARG A 472 5.55 -8.03 -19.91
C ARG A 472 5.23 -7.58 -18.49
N VAL A 473 3.95 -7.28 -18.22
CA VAL A 473 3.53 -7.01 -16.85
C VAL A 473 3.82 -8.22 -15.97
N THR A 474 3.53 -9.42 -16.48
CA THR A 474 3.77 -10.63 -15.71
C THR A 474 5.24 -10.79 -15.36
N LYS A 475 6.13 -10.54 -16.33
CA LYS A 475 7.55 -10.67 -16.06
C LYS A 475 8.03 -9.60 -15.07
N CYS A 476 7.68 -8.34 -15.31
CA CYS A 476 8.12 -7.28 -14.41
C CYS A 476 7.47 -7.36 -13.03
N CYS A 477 6.43 -8.17 -12.86
CA CYS A 477 5.82 -8.38 -11.55
C CYS A 477 6.30 -9.66 -10.86
N THR A 478 6.82 -10.63 -11.60
CA THR A 478 7.16 -11.92 -11.03
C THR A 478 8.61 -11.99 -10.53
N GLU A 479 9.53 -11.33 -11.23
CA GLU A 479 10.96 -11.55 -11.01
C GLU A 479 11.42 -11.15 -9.60
N SER A 480 11.85 -9.90 -9.44
CA SER A 480 12.40 -9.41 -8.18
C SER A 480 11.53 -8.30 -7.62
N LEU A 481 11.36 -8.30 -6.30
CA LEU A 481 10.57 -7.26 -5.66
C LEU A 481 11.27 -5.90 -5.72
N VAL A 482 12.59 -5.90 -5.59
CA VAL A 482 13.34 -4.66 -5.55
C VAL A 482 13.54 -4.09 -6.95
N ASN A 483 13.76 -4.96 -7.93
CA ASN A 483 13.90 -4.55 -9.32
C ASN A 483 12.57 -4.20 -9.98
N ARG A 484 11.51 -4.01 -9.20
CA ARG A 484 10.20 -3.73 -9.78
C ARG A 484 10.16 -2.36 -10.44
N ARG A 485 10.50 -1.31 -9.70
CA ARG A 485 10.49 0.03 -10.27
C ARG A 485 11.47 0.19 -11.43
N PRO A 486 12.71 -0.32 -11.38
CA PRO A 486 13.57 -0.23 -12.57
C PRO A 486 13.02 -1.00 -13.76
N CYS A 487 12.44 -2.18 -13.52
CA CYS A 487 11.86 -2.98 -14.60
C CYS A 487 10.91 -2.15 -15.45
N PHE A 488 9.91 -1.54 -14.80
CA PHE A 488 8.93 -0.73 -15.52
C PHE A 488 9.59 0.44 -16.25
N SER A 489 10.72 0.93 -15.74
CA SER A 489 11.41 2.02 -16.41
C SER A 489 12.14 1.54 -17.66
N ALA A 490 12.58 0.28 -17.68
CA ALA A 490 13.26 -0.28 -18.84
C ALA A 490 12.30 -0.60 -19.98
N LEU A 491 11.02 -0.77 -19.67
CA LEU A 491 10.04 -1.08 -20.71
C LEU A 491 9.74 0.15 -21.55
N GLN A 492 9.31 -0.08 -22.78
CA GLN A 492 8.89 1.00 -23.67
C GLN A 492 7.71 0.49 -24.51
N VAL A 493 7.52 1.08 -25.69
CA VAL A 493 6.29 0.88 -26.44
C VAL A 493 6.15 -0.58 -26.86
N ASP A 494 4.93 -1.09 -26.80
CA ASP A 494 4.62 -2.47 -27.14
C ASP A 494 4.06 -2.53 -28.56
N GLU A 495 4.47 -3.56 -29.31
CA GLU A 495 4.00 -3.77 -30.67
C GLU A 495 3.30 -5.09 -30.90
N THR A 496 3.29 -5.99 -29.92
CA THR A 496 2.49 -7.22 -30.05
C THR A 496 1.00 -6.89 -30.04
N TYR A 497 0.62 -5.78 -29.44
CA TYR A 497 -0.77 -5.37 -29.34
C TYR A 497 -1.28 -4.84 -30.67
N VAL A 498 -2.44 -5.35 -31.10
CA VAL A 498 -3.11 -4.85 -32.29
C VAL A 498 -4.10 -3.77 -31.86
N PRO A 499 -4.13 -2.62 -32.52
CA PRO A 499 -5.01 -1.53 -32.08
C PRO A 499 -6.48 -1.94 -32.08
N LYS A 500 -7.22 -1.40 -31.11
CA LYS A 500 -8.63 -1.70 -30.98
C LYS A 500 -9.45 -0.81 -31.91
N GLU A 501 -10.55 -1.38 -32.41
CA GLU A 501 -11.46 -0.63 -33.27
C GLU A 501 -12.46 0.16 -32.43
N PHE A 502 -12.73 1.39 -32.86
CA PHE A 502 -13.74 2.21 -32.20
C PHE A 502 -15.09 1.51 -32.24
N SER A 503 -15.59 1.13 -31.07
CA SER A 503 -16.78 0.31 -30.95
C SER A 503 -17.95 1.13 -30.44
N ALA A 504 -19.16 0.58 -30.60
CA ALA A 504 -20.37 1.24 -30.16
C ALA A 504 -20.54 1.12 -28.65
N GLU A 505 -19.53 1.61 -27.90
CA GLU A 505 -19.53 1.50 -26.44
C GLU A 505 -18.39 2.32 -25.85
N THR A 506 -17.38 2.63 -26.66
CA THR A 506 -16.14 3.21 -26.15
C THR A 506 -16.26 4.69 -25.79
N PHE A 507 -17.26 5.40 -26.31
CA PHE A 507 -17.30 6.85 -26.10
C PHE A 507 -18.68 7.44 -25.86
N THR A 508 -19.78 6.79 -26.25
CA THR A 508 -21.09 7.39 -26.07
C THR A 508 -21.54 7.32 -24.61
N PHE A 509 -21.19 8.33 -23.82
CA PHE A 509 -21.59 8.40 -22.43
C PHE A 509 -22.93 9.12 -22.32
N HIS A 510 -23.30 9.53 -21.10
CA HIS A 510 -24.65 9.97 -20.81
C HIS A 510 -24.65 11.35 -20.18
N ALA A 511 -25.86 11.87 -19.94
CA ALA A 511 -26.03 13.28 -19.60
C ALA A 511 -25.78 13.56 -18.11
N ASP A 512 -25.92 12.54 -17.25
CA ASP A 512 -25.67 12.70 -15.83
C ASP A 512 -24.24 13.12 -15.52
N LEU A 513 -23.35 13.01 -16.52
CA LEU A 513 -21.98 13.48 -16.37
C LEU A 513 -21.91 14.93 -15.93
N CYS A 514 -22.93 15.74 -16.29
CA CYS A 514 -22.89 17.15 -15.90
C CYS A 514 -23.08 17.33 -14.40
N THR A 515 -23.72 16.37 -13.73
CA THR A 515 -23.99 16.49 -12.29
C THR A 515 -22.92 15.84 -11.42
N LEU A 516 -21.99 15.09 -12.01
CA LEU A 516 -20.96 14.43 -11.23
C LEU A 516 -19.83 15.40 -10.90
N PRO A 517 -19.06 15.12 -9.85
CA PRO A 517 -18.04 16.08 -9.40
C PRO A 517 -16.85 16.10 -10.34
N GLU A 518 -15.93 17.03 -10.05
CA GLU A 518 -14.79 17.25 -10.94
C GLU A 518 -13.81 16.09 -10.93
N ALA A 519 -13.68 15.39 -9.79
CA ALA A 519 -12.76 14.27 -9.71
C ALA A 519 -13.19 13.15 -10.67
N GLU A 520 -14.44 12.71 -10.56
CA GLU A 520 -14.93 11.65 -11.44
C GLU A 520 -15.05 12.13 -12.89
N LYS A 521 -15.26 13.43 -13.08
CA LYS A 521 -15.28 13.97 -14.45
C LYS A 521 -13.90 13.86 -15.08
N GLN A 522 -12.85 14.22 -14.34
CA GLN A 522 -11.49 14.04 -14.83
C GLN A 522 -11.16 12.56 -15.00
N ILE A 523 -11.69 11.70 -14.14
CA ILE A 523 -11.46 10.26 -14.28
C ILE A 523 -12.07 9.76 -15.57
N LYS A 524 -13.27 10.24 -15.92
CA LYS A 524 -13.87 9.85 -17.20
C LYS A 524 -13.09 10.42 -18.38
N LYS A 525 -12.62 11.66 -18.26
CA LYS A 525 -11.78 12.25 -19.29
C LYS A 525 -10.54 11.37 -19.53
N GLN A 526 -9.92 10.89 -18.46
CA GLN A 526 -8.72 10.09 -18.60
C GLN A 526 -9.01 8.68 -19.09
N SER A 527 -10.19 8.14 -18.76
CA SER A 527 -10.58 6.84 -19.29
C SER A 527 -10.81 6.90 -20.80
N ALA A 528 -11.58 7.90 -21.25
CA ALA A 528 -11.74 8.10 -22.68
C ALA A 528 -10.39 8.37 -23.36
N LEU A 529 -9.50 9.08 -22.66
CA LEU A 529 -8.14 9.27 -23.19
C LEU A 529 -7.42 7.93 -23.34
N VAL A 530 -7.65 7.00 -22.40
CA VAL A 530 -7.04 5.68 -22.48
C VAL A 530 -7.56 4.92 -23.69
N GLU A 531 -8.88 4.97 -23.91
CA GLU A 531 -9.44 4.34 -25.10
C GLU A 531 -8.85 4.95 -26.37
N LEU A 532 -8.68 6.27 -26.38
CA LEU A 532 -8.05 6.95 -27.51
C LEU A 532 -6.64 6.41 -27.75
N LEU A 533 -5.85 6.27 -26.69
CA LEU A 533 -4.48 5.81 -26.85
C LEU A 533 -4.44 4.35 -27.31
N LYS A 534 -5.38 3.54 -26.83
CA LYS A 534 -5.38 2.12 -27.23
C LYS A 534 -5.82 1.95 -28.68
N HIS A 535 -6.77 2.76 -29.14
CA HIS A 535 -7.33 2.54 -30.47
C HIS A 535 -6.33 2.85 -31.58
N LYS A 536 -5.38 3.74 -31.32
CA LYS A 536 -4.33 4.07 -32.31
C LYS A 536 -3.11 4.54 -31.55
N PRO A 537 -2.19 3.63 -31.23
CA PRO A 537 -1.01 4.02 -30.43
C PRO A 537 0.07 4.75 -31.20
N LYS A 538 0.15 4.57 -32.53
CA LYS A 538 1.24 5.15 -33.30
C LYS A 538 1.04 6.65 -33.52
N ALA A 539 0.18 7.02 -34.47
CA ALA A 539 -0.08 8.42 -34.76
C ALA A 539 -0.66 9.13 -33.54
N THR A 540 0.21 9.55 -32.63
CA THR A 540 -0.20 10.13 -31.35
C THR A 540 0.67 11.34 -31.02
N GLU A 541 0.76 12.29 -31.95
CA GLU A 541 1.51 13.51 -31.71
C GLU A 541 0.71 14.47 -30.86
N GLU A 542 0.45 15.68 -31.37
CA GLU A 542 -0.44 16.61 -30.71
C GLU A 542 -1.90 16.32 -30.98
N GLN A 543 -2.20 15.29 -31.79
CA GLN A 543 -3.59 14.93 -32.05
C GLN A 543 -4.29 14.43 -30.80
N LEU A 544 -3.54 13.81 -29.88
CA LEU A 544 -4.12 13.41 -28.60
C LEU A 544 -4.68 14.62 -27.86
N LYS A 545 -3.88 15.70 -27.77
CA LYS A 545 -4.37 16.92 -27.14
C LYS A 545 -5.49 17.55 -27.95
N THR A 546 -5.39 17.49 -29.28
CA THR A 546 -6.41 18.12 -30.13
C THR A 546 -7.77 17.46 -29.94
N VAL A 547 -7.79 16.15 -29.75
CA VAL A 547 -9.07 15.47 -29.50
C VAL A 547 -9.50 15.64 -28.05
N MET A 548 -8.55 15.54 -27.11
CA MET A 548 -8.87 15.67 -25.70
C MET A 548 -9.47 17.03 -25.38
N GLY A 549 -9.09 18.07 -26.13
CA GLY A 549 -9.71 19.36 -25.94
C GLY A 549 -11.12 19.41 -26.51
N ASP A 550 -11.33 18.75 -27.66
CA ASP A 550 -12.67 18.69 -28.24
C ASP A 550 -13.64 17.94 -27.36
N PHE A 551 -13.14 16.97 -26.58
CA PHE A 551 -13.99 16.31 -25.58
C PHE A 551 -14.54 17.32 -24.58
N GLY A 552 -13.66 18.14 -23.99
CA GLY A 552 -14.11 19.12 -23.03
C GLY A 552 -15.01 20.18 -23.66
N SER A 553 -14.69 20.60 -24.88
CA SER A 553 -15.55 21.55 -25.59
C SER A 553 -16.95 20.99 -25.76
N PHE A 554 -17.06 19.76 -26.26
CA PHE A 554 -18.37 19.15 -26.49
C PHE A 554 -19.13 18.94 -25.19
N VAL A 555 -18.45 18.42 -24.16
CA VAL A 555 -19.13 18.11 -22.91
C VAL A 555 -19.59 19.38 -22.22
N ASP A 556 -18.78 20.45 -22.27
CA ASP A 556 -19.17 21.69 -21.61
C ASP A 556 -20.27 22.42 -22.39
N LYS A 557 -20.13 22.50 -23.72
CA LYS A 557 -21.14 23.22 -24.50
C LYS A 557 -22.47 22.47 -24.53
N CYS A 558 -22.44 21.14 -24.42
CA CYS A 558 -23.67 20.37 -24.44
C CYS A 558 -24.30 20.29 -23.05
N CYS A 559 -23.47 20.18 -22.01
CA CYS A 559 -23.99 20.26 -20.64
C CYS A 559 -24.64 21.62 -20.39
N ALA A 560 -23.97 22.70 -20.82
CA ALA A 560 -24.51 24.05 -20.70
C ALA A 560 -25.50 24.35 -21.81
N ALA A 561 -26.48 23.47 -21.98
CA ALA A 561 -27.60 23.71 -22.89
C ALA A 561 -28.93 23.31 -22.27
N GLU A 562 -28.93 22.58 -21.15
CA GLU A 562 -30.13 22.20 -20.42
C GLU A 562 -31.14 21.47 -21.31
N ASP A 563 -30.63 20.81 -22.36
CA ASP A 563 -31.49 19.96 -23.16
C ASP A 563 -31.80 18.68 -22.41
N LYS A 564 -32.95 18.09 -22.72
CA LYS A 564 -33.40 16.87 -22.03
C LYS A 564 -32.78 15.65 -22.72
N GLU A 565 -31.45 15.55 -22.59
CA GLU A 565 -30.68 14.42 -23.07
C GLU A 565 -30.74 14.25 -24.59
N ALA A 566 -30.89 15.36 -25.32
CA ALA A 566 -30.97 15.31 -26.77
C ALA A 566 -29.60 15.56 -27.41
N CYS A 567 -28.98 16.70 -27.10
CA CYS A 567 -27.69 17.06 -27.70
C CYS A 567 -26.63 16.01 -27.42
N PHE A 568 -26.71 15.31 -26.29
CA PHE A 568 -25.73 14.28 -25.98
C PHE A 568 -25.84 13.11 -26.95
N ALA A 569 -27.06 12.58 -27.13
CA ALA A 569 -27.24 11.46 -28.05
C ALA A 569 -27.01 11.87 -29.49
N GLU A 570 -27.29 13.13 -29.83
CA GLU A 570 -27.06 13.61 -31.19
C GLU A 570 -25.57 13.75 -31.48
N GLU A 571 -24.90 14.62 -30.74
CA GLU A 571 -23.47 14.87 -30.94
C GLU A 571 -22.59 13.75 -30.42
N GLY A 572 -23.16 12.67 -29.89
CA GLY A 572 -22.40 11.54 -29.43
C GLY A 572 -21.93 10.68 -30.58
N PRO A 573 -22.85 10.33 -31.49
CA PRO A 573 -22.45 9.54 -32.67
C PRO A 573 -21.64 10.33 -33.70
N LYS A 574 -21.51 11.64 -33.52
CA LYS A 574 -20.73 12.44 -34.47
C LYS A 574 -19.24 12.42 -34.12
N LEU A 575 -18.91 12.65 -32.85
CA LEU A 575 -17.52 12.83 -32.45
C LEU A 575 -16.76 11.52 -32.34
N VAL A 576 -17.42 10.37 -32.46
CA VAL A 576 -16.68 9.12 -32.57
C VAL A 576 -16.04 9.00 -33.95
N ALA A 577 -16.78 9.37 -34.99
CA ALA A 577 -16.21 9.42 -36.33
C ALA A 577 -15.28 10.61 -36.49
N ALA A 578 -15.67 11.77 -35.95
CA ALA A 578 -14.81 12.94 -36.00
C ALA A 578 -13.51 12.71 -35.23
N ALA A 579 -13.57 11.84 -34.20
CA ALA A 579 -12.35 11.50 -33.47
C ALA A 579 -11.55 10.42 -34.18
N GLN A 580 -12.22 9.49 -34.87
CA GLN A 580 -11.50 8.48 -35.64
C GLN A 580 -10.78 9.10 -36.84
N ALA A 581 -11.33 10.19 -37.39
CA ALA A 581 -10.68 10.84 -38.53
C ALA A 581 -9.35 11.47 -38.15
N ALA A 582 -9.23 11.94 -36.91
CA ALA A 582 -7.99 12.56 -36.45
C ALA A 582 -6.95 11.50 -36.09
#